data_5L4L
#
_entry.id   5L4L
#
_cell.length_a   51.930
_cell.length_b   53.660
_cell.length_c   102.270
_cell.angle_alpha   90.000
_cell.angle_beta   90.000
_cell.angle_gamma   90.000
#
_symmetry.space_group_name_H-M   'P 21 21 21'
#
loop_
_entity.id
_entity.type
_entity.pdbx_description
1 polymer SimC7
2 non-polymer GLYCEROL
3 non-polymer 'NADP NICOTINAMIDE-ADENINE-DINUCLEOTIDE PHOSPHATE'
4 non-polymer '7-oxo-simocyclinone D8'
5 water water
#
_entity_poly.entity_id   1
_entity_poly.type   'polypeptide(L)'
_entity_poly.pdbx_seq_one_letter_code
;MGSSHHHHHHSSGLVPRGSHMKILVTGARGSIGSRVAGKLVERGLPVRGGVRDLAAPGLPEGVEAVQADLTRPETLARAL
EGVDKVFLYTVPEGIAGFVDEARAAGVRHVVLLSSIAVTWPDADRDPIGRMHLAVERPIEESGLGWTFVRPEALATNALG
WAPEIRGGDMVRCAYPGAYTTPVHEEDIADVVVAALTTPGHRSAAYALTGPETLTQAEQVALIGEALGRAVRCERMPEQE
ARAVLEGLYPAEVVDAILAGQAARDGRPAEVLDTIRAVTGRPARTFREWAGDHVAAFRPAAQSI
;
_entity_poly.pdbx_strand_id   A
#
# COMPACT_ATOMS: atom_id res chain seq x y z
N LYS A 22 -17.86 15.64 -2.37
CA LYS A 22 -16.38 15.86 -2.68
C LYS A 22 -15.40 15.00 -1.87
N ILE A 23 -14.45 14.36 -2.56
CA ILE A 23 -13.52 13.44 -1.92
C ILE A 23 -12.09 13.94 -2.08
N LEU A 24 -11.34 14.01 -0.96
CA LEU A 24 -9.92 14.29 -1.01
C LEU A 24 -9.17 12.97 -1.05
N VAL A 25 -8.38 12.76 -2.09
CA VAL A 25 -7.50 11.62 -2.20
C VAL A 25 -6.10 12.09 -1.86
N THR A 26 -5.63 11.83 -0.64
CA THR A 26 -4.24 12.11 -0.34
C THR A 26 -3.37 11.17 -1.14
N GLY A 27 -2.13 11.59 -1.42
CA GLY A 27 -1.27 10.75 -2.23
C GLY A 27 -1.88 10.37 -3.57
N ALA A 28 -2.53 11.35 -4.22
CA ALA A 28 -3.16 11.11 -5.50
C ALA A 28 -2.16 10.74 -6.61
N ARG A 29 -0.85 10.97 -6.41
CA ARG A 29 0.16 10.49 -7.34
C ARG A 29 0.62 9.07 -7.05
N GLY A 30 0.28 8.56 -5.86
CA GLY A 30 0.78 7.27 -5.43
C GLY A 30 0.26 6.10 -6.23
N SER A 31 0.90 4.95 -6.08
CA SER A 31 0.46 3.75 -6.77
C SER A 31 -1.01 3.44 -6.48
N ILE A 32 -1.37 3.40 -5.21
CA ILE A 32 -2.78 3.15 -4.84
C ILE A 32 -3.62 4.41 -5.00
N GLY A 33 -3.15 5.53 -4.47
CA GLY A 33 -3.94 6.77 -4.50
C GLY A 33 -4.35 7.19 -5.92
N SER A 34 -3.43 7.06 -6.87
CA SER A 34 -3.75 7.46 -8.25
C SER A 34 -4.88 6.63 -8.82
N ARG A 35 -4.94 5.35 -8.47
N ARG A 35 -4.94 5.36 -8.46
CA ARG A 35 -6.00 4.47 -8.95
CA ARG A 35 -6.00 4.48 -8.94
C ARG A 35 -7.32 4.74 -8.24
C ARG A 35 -7.32 4.76 -8.24
N VAL A 36 -7.26 5.08 -6.95
CA VAL A 36 -8.45 5.52 -6.24
C VAL A 36 -9.01 6.77 -6.92
N ALA A 37 -8.16 7.77 -7.16
CA ALA A 37 -8.60 9.00 -7.75
C ALA A 37 -9.19 8.78 -9.13
N GLY A 38 -8.53 7.99 -9.95
CA GLY A 38 -9.02 7.76 -11.32
C GLY A 38 -10.37 7.09 -11.32
N LYS A 39 -10.54 6.10 -10.46
CA LYS A 39 -11.80 5.36 -10.37
C LYS A 39 -12.94 6.25 -9.90
N LEU A 40 -12.66 7.17 -8.98
CA LEU A 40 -13.68 8.09 -8.49
C LEU A 40 -14.10 9.08 -9.59
N VAL A 41 -13.13 9.57 -10.36
CA VAL A 41 -13.42 10.46 -11.48
C VAL A 41 -14.31 9.72 -12.48
N GLU A 42 -13.98 8.45 -12.76
CA GLU A 42 -14.79 7.62 -13.70
C GLU A 42 -16.26 7.53 -13.24
N ARG A 43 -16.49 7.55 -11.94
CA ARG A 43 -17.84 7.56 -11.37
C ARG A 43 -18.54 8.92 -11.35
N GLY A 44 -17.88 9.95 -11.89
CA GLY A 44 -18.44 11.30 -11.96
C GLY A 44 -18.43 12.05 -10.65
N LEU A 45 -17.57 11.64 -9.71
CA LEU A 45 -17.51 12.27 -8.41
C LEU A 45 -16.49 13.41 -8.40
N PRO A 46 -16.70 14.43 -7.54
CA PRO A 46 -15.74 15.53 -7.47
C PRO A 46 -14.54 15.09 -6.64
N VAL A 47 -13.35 15.15 -7.25
CA VAL A 47 -12.14 14.62 -6.61
C VAL A 47 -11.07 15.70 -6.49
N ARG A 48 -10.61 15.91 -5.28
CA ARG A 48 -9.47 16.71 -4.99
C ARG A 48 -8.28 15.81 -4.72
N GLY A 49 -7.15 16.07 -5.34
CA GLY A 49 -5.96 15.20 -5.23
C GLY A 49 -4.89 15.91 -4.43
N GLY A 50 -4.58 15.39 -3.25
CA GLY A 50 -3.53 15.92 -2.44
C GLY A 50 -2.18 15.52 -2.97
N VAL A 51 -1.29 16.51 -3.03
CA VAL A 51 0.06 16.31 -3.53
C VAL A 51 1.06 17.11 -2.71
N ARG A 52 2.26 16.57 -2.52
CA ARG A 52 3.34 17.37 -1.95
C ARG A 52 3.97 18.26 -3.03
N ASP A 53 4.08 17.74 -4.24
CA ASP A 53 4.61 18.46 -5.41
C ASP A 53 3.42 18.89 -6.25
N LEU A 54 3.12 20.19 -6.26
CA LEU A 54 1.98 20.73 -7.00
C LEU A 54 2.28 21.00 -8.46
N ALA A 55 3.47 21.51 -8.74
CA ALA A 55 3.74 22.02 -10.09
C ALA A 55 3.84 20.93 -11.14
N ALA A 56 4.31 19.73 -10.77
CA ALA A 56 4.58 18.73 -11.75
C ALA A 56 3.29 18.27 -12.44
N PRO A 57 3.35 17.99 -13.74
CA PRO A 57 2.21 17.34 -14.40
C PRO A 57 2.05 15.90 -13.91
N GLY A 58 0.97 15.24 -14.30
CA GLY A 58 0.85 13.79 -14.11
C GLY A 58 -0.35 13.30 -13.33
N LEU A 59 -1.06 14.18 -12.65
CA LEU A 59 -2.22 13.72 -11.89
C LEU A 59 -3.24 13.11 -12.83
N PRO A 60 -4.08 12.18 -12.32
CA PRO A 60 -5.15 11.68 -13.20
C PRO A 60 -6.04 12.82 -13.70
N GLU A 61 -6.52 12.70 -14.94
CA GLU A 61 -7.42 13.72 -15.50
C GLU A 61 -8.66 13.90 -14.61
N GLY A 62 -9.11 15.16 -14.50
CA GLY A 62 -10.30 15.53 -13.73
C GLY A 62 -10.11 15.65 -12.22
N VAL A 63 -8.89 15.49 -11.74
CA VAL A 63 -8.55 15.64 -10.32
C VAL A 63 -8.09 17.09 -10.09
N GLU A 64 -8.70 17.77 -9.13
CA GLU A 64 -8.30 19.12 -8.72
C GLU A 64 -7.13 19.01 -7.74
N ALA A 65 -5.94 19.41 -8.17
CA ALA A 65 -4.76 19.34 -7.32
C ALA A 65 -4.79 20.32 -6.17
N VAL A 66 -4.35 19.87 -5.00
CA VAL A 66 -4.15 20.75 -3.87
C VAL A 66 -2.87 20.33 -3.16
N GLN A 67 -2.02 21.33 -2.92
N GLN A 67 -2.06 21.30 -2.75
CA GLN A 67 -0.73 21.11 -2.31
CA GLN A 67 -0.91 21.01 -1.89
C GLN A 67 -0.90 21.07 -0.80
C GLN A 67 -1.44 20.47 -0.54
N ALA A 68 -0.45 19.99 -0.18
N ALA A 68 -0.97 19.31 -0.11
CA ALA A 68 -0.56 19.83 1.26
CA ALA A 68 -1.49 18.68 1.12
C ALA A 68 0.45 18.79 1.66
C ALA A 68 -0.46 17.76 1.79
N ASP A 69 0.75 18.75 2.94
N ASP A 69 0.54 18.38 2.40
CA ASP A 69 1.69 17.78 3.44
CA ASP A 69 1.52 17.65 3.17
C ASP A 69 1.09 17.32 4.76
C ASP A 69 1.02 17.32 4.60
N LEU A 70 0.86 16.01 4.89
CA LEU A 70 0.24 15.50 6.11
C LEU A 70 1.10 15.72 7.37
N THR A 71 2.40 15.99 7.22
CA THR A 71 3.21 16.36 8.39
C THR A 71 3.09 17.84 8.75
N ARG A 72 2.36 18.61 7.95
CA ARG A 72 2.14 20.03 8.20
C ARG A 72 0.63 20.26 8.23
N PRO A 73 -0.01 19.80 9.32
CA PRO A 73 -1.48 19.79 9.27
C PRO A 73 -2.14 21.17 9.14
N GLU A 74 -1.42 22.25 9.47
CA GLU A 74 -1.90 23.60 9.13
C GLU A 74 -2.18 23.80 7.62
N THR A 75 -1.49 23.05 6.76
CA THR A 75 -1.81 22.97 5.30
C THR A 75 -3.16 22.32 4.96
N LEU A 76 -3.78 21.67 5.92
CA LEU A 76 -4.90 20.82 5.55
C LEU A 76 -6.23 21.55 5.48
N ALA A 77 -6.36 22.72 6.10
CA ALA A 77 -7.63 23.41 6.08
C ALA A 77 -8.09 23.69 4.65
N ARG A 78 -7.16 24.17 3.82
CA ARG A 78 -7.47 24.42 2.42
C ARG A 78 -7.83 23.13 1.66
N ALA A 79 -7.07 22.08 1.92
CA ALA A 79 -7.30 20.82 1.22
C ALA A 79 -8.63 20.17 1.60
N LEU A 80 -9.08 20.39 2.84
CA LEU A 80 -10.30 19.77 3.35
C LEU A 80 -11.57 20.57 3.21
N GLU A 81 -11.47 21.82 2.77
CA GLU A 81 -12.65 22.65 2.67
C GLU A 81 -13.67 22.03 1.72
N GLY A 82 -14.90 21.82 2.22
CA GLY A 82 -15.97 21.27 1.39
C GLY A 82 -15.85 19.77 1.10
N VAL A 83 -14.96 19.08 1.81
CA VAL A 83 -14.71 17.67 1.58
C VAL A 83 -15.58 16.84 2.51
N ASP A 84 -16.23 15.82 1.97
CA ASP A 84 -17.04 14.92 2.75
C ASP A 84 -16.27 13.66 3.15
N LYS A 85 -15.34 13.20 2.30
CA LYS A 85 -14.66 11.93 2.54
C LYS A 85 -13.21 12.06 2.13
N VAL A 86 -12.37 11.28 2.78
CA VAL A 86 -10.92 11.32 2.56
C VAL A 86 -10.38 9.92 2.39
N PHE A 87 -9.52 9.74 1.38
CA PHE A 87 -8.64 8.58 1.32
C PHE A 87 -7.31 9.02 1.89
N LEU A 88 -6.88 8.36 2.96
CA LEU A 88 -5.75 8.77 3.79
C LEU A 88 -4.62 7.73 3.75
N TYR A 89 -3.43 8.18 3.34
CA TYR A 89 -2.20 7.43 3.57
C TYR A 89 -1.77 7.60 5.04
N THR A 90 -1.08 6.59 5.57
CA THR A 90 -0.60 6.61 6.95
C THR A 90 0.65 7.46 7.10
N VAL A 91 0.52 8.55 7.87
CA VAL A 91 1.60 9.51 8.17
C VAL A 91 1.41 9.92 9.64
N PRO A 92 2.00 9.17 10.57
CA PRO A 92 1.70 9.40 11.99
C PRO A 92 2.05 10.78 12.53
N GLU A 93 3.11 11.40 12.01
N GLU A 93 3.08 11.44 11.98
CA GLU A 93 3.41 12.77 12.37
CA GLU A 93 3.57 12.70 12.53
C GLU A 93 2.37 13.64 11.72
C GLU A 93 2.48 13.75 12.69
N GLY A 94 1.56 14.26 12.57
N GLY A 94 1.56 13.80 11.74
CA GLY A 94 0.50 15.10 12.08
CA GLY A 94 0.57 14.86 11.76
C GLY A 94 -0.89 14.49 12.15
C GLY A 94 -0.85 14.44 12.07
N ILE A 95 -1.05 13.25 12.62
CA ILE A 95 -2.39 12.67 12.67
C ILE A 95 -3.34 13.44 13.57
N ALA A 96 -2.88 13.90 14.74
CA ALA A 96 -3.78 14.66 15.62
C ALA A 96 -4.29 15.92 14.91
N GLY A 97 -3.39 16.58 14.16
CA GLY A 97 -3.75 17.73 13.37
C GLY A 97 -4.70 17.42 12.24
N PHE A 98 -4.49 16.30 11.55
CA PHE A 98 -5.43 15.86 10.54
C PHE A 98 -6.84 15.69 11.15
N VAL A 99 -6.91 15.00 12.29
CA VAL A 99 -8.20 14.73 12.92
C VAL A 99 -8.92 16.03 13.25
N ASP A 100 -8.17 16.97 13.82
CA ASP A 100 -8.72 18.27 14.17
C ASP A 100 -9.24 19.02 12.94
N GLU A 101 -8.43 19.04 11.87
CA GLU A 101 -8.82 19.75 10.65
C GLU A 101 -10.00 19.06 9.95
N ALA A 102 -9.99 17.73 9.93
CA ALA A 102 -11.07 16.97 9.32
C ALA A 102 -12.40 17.22 10.05
N ARG A 103 -12.35 17.16 11.37
N ARG A 103 -12.37 17.16 11.37
CA ARG A 103 -13.53 17.46 12.19
CA ARG A 103 -13.58 17.46 12.15
C ARG A 103 -14.06 18.87 11.95
C ARG A 103 -14.07 18.88 11.91
N ALA A 104 -13.15 19.85 11.93
CA ALA A 104 -13.54 21.27 11.68
C ALA A 104 -14.18 21.48 10.31
N ALA A 105 -13.68 20.74 9.31
CA ALA A 105 -14.19 20.84 7.96
C ALA A 105 -15.52 20.10 7.73
N GLY A 106 -15.90 19.23 8.67
CA GLY A 106 -17.12 18.43 8.54
C GLY A 106 -16.97 17.16 7.74
N VAL A 107 -15.76 16.64 7.61
CA VAL A 107 -15.53 15.34 6.98
C VAL A 107 -16.36 14.30 7.70
N ARG A 108 -17.03 13.44 6.95
CA ARG A 108 -17.85 12.38 7.49
C ARG A 108 -17.17 11.00 7.48
N HIS A 109 -16.26 10.75 6.56
N HIS A 109 -16.27 10.72 6.53
CA HIS A 109 -15.70 9.43 6.42
CA HIS A 109 -15.78 9.35 6.33
C HIS A 109 -14.23 9.53 6.01
C HIS A 109 -14.33 9.35 5.86
N VAL A 110 -13.45 8.68 6.61
CA VAL A 110 -12.03 8.52 6.25
C VAL A 110 -11.78 7.05 5.94
N VAL A 111 -11.23 6.79 4.77
CA VAL A 111 -10.77 5.44 4.41
C VAL A 111 -9.25 5.48 4.49
N LEU A 112 -8.68 4.68 5.40
CA LEU A 112 -7.26 4.67 5.68
C LEU A 112 -6.60 3.48 5.05
N LEU A 113 -5.50 3.72 4.33
CA LEU A 113 -4.61 2.65 3.91
C LEU A 113 -3.66 2.33 5.06
N SER A 114 -3.89 1.17 5.67
CA SER A 114 -3.18 0.67 6.83
C SER A 114 -2.34 -0.54 6.39
N SER A 115 -2.17 -1.52 7.28
CA SER A 115 -1.35 -2.69 7.04
C SER A 115 -1.91 -3.85 7.82
N ILE A 116 -1.85 -5.03 7.25
CA ILE A 116 -2.27 -6.26 7.96
C ILE A 116 -1.42 -6.46 9.22
N ALA A 117 -0.22 -5.84 9.27
CA ALA A 117 0.67 -6.01 10.44
C ALA A 117 0.01 -5.57 11.73
N VAL A 118 -0.98 -4.68 11.68
CA VAL A 118 -1.62 -4.21 12.91
C VAL A 118 -2.39 -5.33 13.61
N THR A 119 -2.71 -6.42 12.89
CA THR A 119 -3.51 -7.53 13.38
C THR A 119 -2.65 -8.65 13.99
N TRP A 120 -1.33 -8.52 13.94
CA TRP A 120 -0.46 -9.60 14.34
C TRP A 120 -0.19 -9.54 15.83
N PRO A 121 0.21 -10.67 16.43
CA PRO A 121 0.46 -10.61 17.86
C PRO A 121 1.59 -9.63 18.21
N ASP A 122 1.43 -8.92 19.33
CA ASP A 122 2.42 -7.94 19.77
C ASP A 122 2.76 -6.93 18.66
N ALA A 123 1.74 -6.51 17.90
CA ALA A 123 1.91 -5.49 16.85
C ALA A 123 2.52 -4.19 17.36
N ASP A 124 2.27 -3.86 18.64
CA ASP A 124 2.87 -2.66 19.25
C ASP A 124 4.40 -2.69 19.28
N ARG A 125 4.99 -3.89 19.27
CA ARG A 125 6.45 -4.10 19.31
C ARG A 125 7.13 -4.18 17.93
N ASP A 126 6.31 -4.15 16.89
N ASP A 126 6.34 -4.08 16.88
CA ASP A 126 6.75 -4.15 15.50
CA ASP A 126 6.85 -4.08 15.52
C ASP A 126 6.71 -2.72 15.00
C ASP A 126 6.75 -2.65 14.99
N PRO A 127 7.82 -2.22 14.44
N PRO A 127 7.84 -2.09 14.43
CA PRO A 127 7.83 -0.85 13.92
CA PRO A 127 7.71 -0.71 13.97
C PRO A 127 6.70 -0.54 12.91
C PRO A 127 6.64 -0.50 12.91
N ILE A 128 6.43 -1.48 12.03
CA ILE A 128 5.39 -1.33 11.00
C ILE A 128 3.99 -1.37 11.63
N GLY A 129 3.73 -2.34 12.49
CA GLY A 129 2.48 -2.38 13.22
C GLY A 129 2.26 -1.08 14.00
N ARG A 130 3.30 -0.62 14.70
N ARG A 130 3.30 -0.63 14.69
CA ARG A 130 3.23 0.63 15.49
CA ARG A 130 3.20 0.55 15.52
C ARG A 130 2.83 1.80 14.66
C ARG A 130 2.89 1.83 14.71
N MET A 131 3.52 1.99 13.53
CA MET A 131 3.28 3.17 12.72
C MET A 131 1.82 3.24 12.26
N HIS A 132 1.28 2.09 11.86
CA HIS A 132 -0.08 2.04 11.37
C HIS A 132 -1.11 2.14 12.49
N LEU A 133 -0.82 1.51 13.65
CA LEU A 133 -1.70 1.70 14.81
C LEU A 133 -1.71 3.14 15.31
N ALA A 134 -0.62 3.86 15.11
CA ALA A 134 -0.51 5.26 15.52
C ALA A 134 -1.46 6.17 14.74
N VAL A 135 -1.96 5.69 13.60
CA VAL A 135 -2.97 6.40 12.84
C VAL A 135 -4.36 5.79 13.04
N GLU A 136 -4.45 4.47 13.03
CA GLU A 136 -5.77 3.84 13.27
C GLU A 136 -6.38 4.29 14.60
N ARG A 137 -5.59 4.30 15.67
CA ARG A 137 -6.16 4.55 17.00
C ARG A 137 -6.74 5.98 17.12
N PRO A 138 -6.00 7.02 16.69
CA PRO A 138 -6.62 8.35 16.70
C PRO A 138 -7.87 8.46 15.83
N ILE A 139 -7.89 7.78 14.69
CA ILE A 139 -9.09 7.81 13.85
CA ILE A 139 -9.09 7.78 13.87
C ILE A 139 -10.26 7.14 14.59
N GLU A 140 -10.01 6.00 15.20
CA GLU A 140 -11.08 5.34 15.97
C GLU A 140 -11.64 6.22 17.09
N GLU A 141 -10.78 7.01 17.72
CA GLU A 141 -11.21 7.88 18.83
CA GLU A 141 -11.15 7.93 18.82
C GLU A 141 -11.80 9.22 18.35
N SER A 142 -11.71 9.54 17.06
CA SER A 142 -12.00 10.87 16.54
C SER A 142 -13.48 11.22 16.44
N GLY A 143 -14.36 10.23 16.40
CA GLY A 143 -15.77 10.49 16.07
C GLY A 143 -16.07 10.54 14.57
N LEU A 144 -15.04 10.49 13.71
CA LEU A 144 -15.23 10.41 12.28
C LEU A 144 -15.65 8.99 11.89
N GLY A 145 -16.43 8.85 10.84
CA GLY A 145 -16.63 7.51 10.26
C GLY A 145 -15.35 7.03 9.59
N TRP A 146 -15.12 5.73 9.62
CA TRP A 146 -13.89 5.22 9.05
C TRP A 146 -14.06 3.85 8.46
N THR A 147 -13.11 3.53 7.58
CA THR A 147 -12.88 2.17 7.09
C THR A 147 -11.37 1.99 7.04
N PHE A 148 -10.86 0.88 7.53
CA PHE A 148 -9.43 0.56 7.44
C PHE A 148 -9.20 -0.50 6.40
N VAL A 149 -8.24 -0.28 5.54
CA VAL A 149 -7.86 -1.24 4.48
C VAL A 149 -6.45 -1.71 4.81
N ARG A 150 -6.30 -2.98 5.12
CA ARG A 150 -5.09 -3.53 5.72
C ARG A 150 -4.50 -4.63 4.82
N PRO A 151 -3.73 -4.24 3.78
CA PRO A 151 -3.15 -5.26 2.91
C PRO A 151 -1.96 -5.94 3.55
N GLU A 152 -1.71 -7.16 3.06
CA GLU A 152 -0.43 -7.84 3.25
C GLU A 152 0.57 -7.29 2.20
N ALA A 153 1.48 -8.09 1.69
CA ALA A 153 2.51 -7.61 0.81
C ALA A 153 1.91 -7.02 -0.44
N LEU A 154 2.38 -5.84 -0.85
CA LEU A 154 2.00 -5.28 -2.13
C LEU A 154 2.73 -5.96 -3.24
N ALA A 155 1.99 -6.35 -4.29
CA ALA A 155 2.62 -6.86 -5.50
C ALA A 155 3.70 -5.91 -6.03
N THR A 156 3.47 -4.61 -5.91
CA THR A 156 4.46 -3.63 -6.33
C THR A 156 5.80 -3.74 -5.65
N ASN A 157 5.90 -4.46 -4.54
CA ASN A 157 7.24 -4.66 -3.96
C ASN A 157 8.16 -5.32 -5.00
N ALA A 158 7.59 -6.11 -5.91
CA ALA A 158 8.37 -6.80 -6.94
C ALA A 158 9.05 -5.84 -7.91
N LEU A 159 8.58 -4.60 -7.98
CA LEU A 159 9.24 -3.62 -8.85
C LEU A 159 10.70 -3.38 -8.42
N GLY A 160 11.04 -3.68 -7.18
CA GLY A 160 12.42 -3.58 -6.76
C GLY A 160 13.36 -4.51 -7.52
N TRP A 161 12.83 -5.57 -8.14
CA TRP A 161 13.61 -6.49 -8.94
C TRP A 161 13.74 -6.06 -10.38
N ALA A 162 13.10 -4.94 -10.79
CA ALA A 162 13.10 -4.62 -12.21
C ALA A 162 14.49 -4.41 -12.82
N PRO A 163 15.41 -3.71 -12.14
CA PRO A 163 16.75 -3.57 -12.75
C PRO A 163 17.40 -4.92 -13.04
N GLU A 164 17.29 -5.85 -12.09
CA GLU A 164 17.87 -7.17 -12.29
C GLU A 164 17.20 -7.93 -13.41
N ILE A 165 15.88 -7.88 -13.46
CA ILE A 165 15.15 -8.65 -14.47
C ILE A 165 15.34 -8.04 -15.86
N ARG A 166 15.39 -6.72 -15.94
CA ARG A 166 15.73 -6.10 -17.24
C ARG A 166 17.11 -6.53 -17.71
N GLY A 167 18.05 -6.72 -16.77
CA GLY A 167 19.43 -6.98 -17.08
C GLY A 167 19.84 -8.41 -17.23
N GLY A 168 18.96 -9.36 -16.97
CA GLY A 168 19.32 -10.74 -17.07
C GLY A 168 18.37 -11.67 -16.36
N ASP A 169 18.79 -12.91 -16.17
N ASP A 169 18.83 -12.90 -16.14
CA ASP A 169 17.90 -13.99 -15.71
CA ASP A 169 17.99 -14.01 -15.70
C ASP A 169 18.21 -14.41 -14.27
C ASP A 169 18.22 -14.41 -14.26
N MET A 170 18.76 -13.50 -13.46
CA MET A 170 19.09 -13.80 -12.07
C MET A 170 18.74 -12.64 -11.14
N VAL A 171 17.98 -12.94 -10.10
CA VAL A 171 17.58 -12.00 -9.07
C VAL A 171 18.10 -12.49 -7.73
N ARG A 172 18.57 -11.57 -6.88
CA ARG A 172 19.05 -11.90 -5.54
C ARG A 172 18.00 -11.57 -4.49
N CYS A 173 17.77 -12.50 -3.56
N CYS A 173 17.88 -12.46 -3.52
CA CYS A 173 16.78 -12.35 -2.46
CA CYS A 173 16.87 -12.34 -2.49
C CYS A 173 17.37 -12.86 -1.17
C CYS A 173 17.41 -12.86 -1.16
N ALA A 174 17.10 -12.18 -0.05
CA ALA A 174 17.52 -12.68 1.26
C ALA A 174 16.91 -14.04 1.55
N TYR A 175 15.64 -14.20 1.20
CA TYR A 175 14.87 -15.43 1.49
C TYR A 175 14.08 -15.82 0.26
N PRO A 176 14.74 -16.47 -0.70
CA PRO A 176 14.01 -16.97 -1.87
C PRO A 176 12.75 -17.78 -1.54
N GLY A 177 12.81 -18.53 -0.44
CA GLY A 177 11.71 -19.37 -0.01
C GLY A 177 10.69 -18.76 0.91
N ALA A 178 10.79 -17.45 1.18
CA ALA A 178 9.81 -16.80 2.04
C ALA A 178 8.50 -16.57 1.30
N TYR A 179 7.40 -16.94 1.96
CA TYR A 179 6.06 -16.74 1.42
C TYR A 179 5.45 -15.42 1.83
N THR A 180 4.82 -14.77 0.83
CA THR A 180 3.88 -13.69 1.05
C THR A 180 2.65 -14.01 0.23
N THR A 181 1.68 -13.10 0.21
N THR A 181 1.62 -13.17 0.31
CA THR A 181 0.42 -13.34 -0.46
CA THR A 181 0.36 -13.36 -0.45
C THR A 181 0.08 -12.05 -1.20
C THR A 181 0.08 -12.04 -1.20
N PRO A 182 0.87 -11.75 -2.24
CA PRO A 182 0.90 -10.39 -2.76
C PRO A 182 -0.39 -9.92 -3.37
N VAL A 183 -0.70 -8.64 -3.11
CA VAL A 183 -1.98 -8.11 -3.52
CA VAL A 183 -1.96 -8.01 -3.41
C VAL A 183 -1.79 -7.01 -4.55
N HIS A 184 -2.64 -7.07 -5.56
CA HIS A 184 -2.62 -6.13 -6.67
C HIS A 184 -3.16 -4.77 -6.21
N GLU A 185 -2.46 -3.68 -6.53
CA GLU A 185 -2.93 -2.36 -6.15
C GLU A 185 -4.31 -2.02 -6.67
N GLU A 186 -4.69 -2.56 -7.84
CA GLU A 186 -6.00 -2.27 -8.39
CA GLU A 186 -6.01 -2.28 -8.39
C GLU A 186 -7.09 -2.82 -7.48
N ASP A 187 -6.83 -3.97 -6.84
CA ASP A 187 -7.81 -4.53 -5.89
C ASP A 187 -7.95 -3.65 -4.66
N ILE A 188 -6.80 -3.12 -4.16
CA ILE A 188 -6.83 -2.23 -3.03
C ILE A 188 -7.67 -1.01 -3.37
N ALA A 189 -7.42 -0.44 -4.55
CA ALA A 189 -8.18 0.74 -4.97
C ALA A 189 -9.67 0.39 -5.11
N ASP A 190 -10.02 -0.79 -5.63
CA ASP A 190 -11.41 -1.17 -5.73
C ASP A 190 -12.07 -1.26 -4.34
N VAL A 191 -11.37 -1.82 -3.35
CA VAL A 191 -11.91 -1.88 -2.00
C VAL A 191 -12.09 -0.49 -1.41
N VAL A 192 -11.10 0.39 -1.61
CA VAL A 192 -11.22 1.76 -1.14
C VAL A 192 -12.42 2.46 -1.78
N VAL A 193 -12.57 2.32 -3.09
CA VAL A 193 -13.69 2.97 -3.80
C VAL A 193 -15.03 2.42 -3.32
N ALA A 194 -15.12 1.11 -3.10
CA ALA A 194 -16.36 0.54 -2.52
C ALA A 194 -16.65 1.20 -1.18
N ALA A 195 -15.63 1.34 -0.33
CA ALA A 195 -15.83 1.95 0.98
C ALA A 195 -16.25 3.40 0.90
N LEU A 196 -15.79 4.13 -0.11
CA LEU A 196 -16.13 5.52 -0.28
C LEU A 196 -17.51 5.77 -0.88
N THR A 197 -18.07 4.76 -1.55
CA THR A 197 -19.20 5.02 -2.44
C THR A 197 -20.42 4.14 -2.21
N THR A 198 -20.34 3.15 -1.33
CA THR A 198 -21.47 2.23 -1.11
C THR A 198 -21.64 2.01 0.40
N PRO A 199 -22.86 1.61 0.83
CA PRO A 199 -23.08 1.39 2.25
C PRO A 199 -22.48 0.10 2.75
N GLY A 200 -22.27 0.04 4.06
CA GLY A 200 -21.92 -1.18 4.72
C GLY A 200 -20.50 -1.34 5.18
N HIS A 201 -19.69 -0.28 5.02
CA HIS A 201 -18.27 -0.35 5.30
C HIS A 201 -17.86 0.49 6.50
N ARG A 202 -18.81 1.14 7.18
CA ARG A 202 -18.46 1.98 8.32
C ARG A 202 -18.01 1.14 9.52
N SER A 203 -16.84 1.49 10.04
CA SER A 203 -16.15 0.74 11.10
C SER A 203 -15.66 -0.63 10.67
N ALA A 204 -15.57 -0.87 9.36
CA ALA A 204 -14.99 -2.11 8.87
C ALA A 204 -13.48 -1.98 8.75
N ALA A 205 -12.80 -3.10 8.99
CA ALA A 205 -11.37 -3.19 8.82
C ALA A 205 -11.09 -4.44 8.00
N TYR A 206 -10.61 -4.24 6.78
CA TYR A 206 -10.49 -5.31 5.79
C TYR A 206 -9.04 -5.74 5.65
N ALA A 207 -8.74 -6.98 6.02
CA ALA A 207 -7.43 -7.58 5.83
C ALA A 207 -7.39 -8.17 4.43
N LEU A 208 -6.54 -7.61 3.58
CA LEU A 208 -6.52 -8.01 2.15
C LEU A 208 -5.29 -8.82 1.87
N THR A 209 -5.47 -9.92 1.15
CA THR A 209 -4.38 -10.64 0.52
C THR A 209 -4.70 -10.87 -0.94
N GLY A 210 -3.67 -11.18 -1.70
CA GLY A 210 -3.91 -11.75 -3.02
C GLY A 210 -4.49 -13.15 -2.91
N PRO A 211 -4.71 -13.78 -4.05
CA PRO A 211 -5.40 -15.08 -4.07
C PRO A 211 -4.48 -16.28 -3.88
N GLU A 212 -3.18 -16.08 -3.71
CA GLU A 212 -2.27 -17.20 -3.58
C GLU A 212 -1.04 -16.82 -2.79
N THR A 213 -0.63 -17.70 -1.88
CA THR A 213 0.65 -17.51 -1.20
C THR A 213 1.75 -18.04 -2.10
N LEU A 214 2.80 -17.24 -2.26
CA LEU A 214 3.87 -17.49 -3.20
C LEU A 214 5.19 -17.15 -2.56
N THR A 215 6.22 -17.94 -2.85
CA THR A 215 7.55 -17.57 -2.39
C THR A 215 8.11 -16.44 -3.23
N GLN A 216 9.17 -15.80 -2.72
N GLN A 216 9.16 -15.80 -2.72
CA GLN A 216 9.86 -14.78 -3.49
CA GLN A 216 9.87 -14.79 -3.48
C GLN A 216 10.36 -15.34 -4.83
C GLN A 216 10.36 -15.33 -4.83
N ALA A 217 10.98 -16.50 -4.80
CA ALA A 217 11.45 -17.15 -6.02
C ALA A 217 10.31 -17.43 -7.00
N GLU A 218 9.15 -17.88 -6.48
CA GLU A 218 8.00 -18.11 -7.34
C GLU A 218 7.50 -16.83 -8.00
N GLN A 219 7.53 -15.74 -7.25
CA GLN A 219 7.15 -14.45 -7.83
C GLN A 219 8.11 -14.03 -8.94
N VAL A 220 9.40 -14.17 -8.70
CA VAL A 220 10.38 -13.90 -9.74
C VAL A 220 10.10 -14.73 -11.00
N ALA A 221 9.86 -16.02 -10.79
CA ALA A 221 9.58 -16.93 -11.90
C ALA A 221 8.33 -16.52 -12.67
N LEU A 222 7.29 -16.07 -11.97
CA LEU A 222 6.06 -15.64 -12.62
C LEU A 222 6.28 -14.38 -13.47
N ILE A 223 7.13 -13.46 -12.99
CA ILE A 223 7.50 -12.31 -13.81
C ILE A 223 8.21 -12.80 -15.08
N GLY A 224 9.12 -13.75 -14.90
CA GLY A 224 9.76 -14.34 -16.09
C GLY A 224 8.74 -14.92 -17.06
N GLU A 225 7.73 -15.63 -16.55
CA GLU A 225 6.68 -16.19 -17.39
C GLU A 225 5.98 -15.08 -18.18
N ALA A 226 5.73 -13.93 -17.57
CA ALA A 226 5.15 -12.79 -18.26
C ALA A 226 6.04 -12.26 -19.41
N LEU A 227 7.35 -12.46 -19.28
CA LEU A 227 8.35 -12.02 -20.24
C LEU A 227 8.72 -13.09 -21.28
N GLY A 228 8.29 -14.33 -21.08
CA GLY A 228 8.72 -15.47 -21.91
C GLY A 228 10.14 -15.96 -21.66
N ARG A 229 10.65 -15.75 -20.45
N ARG A 229 10.63 -15.76 -20.44
CA ARG A 229 12.04 -16.04 -20.07
CA ARG A 229 12.00 -16.04 -20.01
C ARG A 229 12.08 -16.72 -18.71
C ARG A 229 11.95 -16.86 -18.74
N ALA A 230 13.02 -17.62 -18.50
CA ALA A 230 13.21 -18.31 -17.21
C ALA A 230 14.08 -17.38 -16.38
N VAL A 231 13.53 -16.81 -15.32
CA VAL A 231 14.26 -15.91 -14.44
C VAL A 231 14.39 -16.64 -13.11
N ARG A 232 15.63 -16.77 -12.65
CA ARG A 232 15.98 -17.53 -11.47
C ARG A 232 16.27 -16.58 -10.31
N CYS A 233 16.35 -17.16 -9.13
N CYS A 233 16.30 -17.19 -9.13
CA CYS A 233 16.54 -16.45 -7.91
CA CYS A 233 16.65 -16.54 -7.89
C CYS A 233 17.70 -17.15 -7.16
C CYS A 233 17.83 -17.18 -7.25
N GLU A 234 18.58 -16.36 -6.54
CA GLU A 234 19.66 -16.87 -5.70
C GLU A 234 19.65 -16.11 -4.38
N ARG A 235 20.12 -16.75 -3.33
CA ARG A 235 20.18 -16.14 -2.04
C ARG A 235 21.28 -15.09 -1.96
N MET A 236 21.04 -14.02 -1.22
N MET A 236 21.02 -14.00 -1.22
CA MET A 236 22.09 -13.11 -0.81
CA MET A 236 22.03 -13.03 -0.81
C MET A 236 22.15 -13.08 0.70
C MET A 236 22.13 -13.07 0.70
N PRO A 237 23.31 -12.74 1.26
CA PRO A 237 23.39 -12.61 2.70
C PRO A 237 22.51 -11.50 3.25
N GLU A 238 22.09 -11.65 4.50
N GLU A 238 22.11 -11.66 4.51
CA GLU A 238 21.25 -10.63 5.15
CA GLU A 238 21.29 -10.66 5.19
C GLU A 238 21.86 -9.24 5.16
C GLU A 238 21.86 -9.26 5.14
N GLN A 239 23.18 -9.12 5.36
CA GLN A 239 23.81 -7.79 5.38
C GLN A 239 23.66 -7.09 4.05
N GLU A 240 23.77 -7.84 2.94
CA GLU A 240 23.60 -7.28 1.61
C GLU A 240 22.14 -6.82 1.44
N ALA A 241 21.20 -7.66 1.86
CA ALA A 241 19.77 -7.30 1.77
C ALA A 241 19.45 -6.07 2.60
N ARG A 242 20.07 -5.99 3.77
CA ARG A 242 19.89 -4.82 4.61
C ARG A 242 20.33 -3.55 3.92
N ALA A 243 21.50 -3.58 3.28
CA ALA A 243 21.99 -2.40 2.57
C ALA A 243 21.03 -1.96 1.46
N VAL A 244 20.49 -2.93 0.72
CA VAL A 244 19.54 -2.66 -0.36
C VAL A 244 18.27 -2.02 0.20
N LEU A 245 17.69 -2.64 1.22
CA LEU A 245 16.46 -2.19 1.80
C LEU A 245 16.57 -0.82 2.47
N GLU A 246 17.74 -0.54 3.02
CA GLU A 246 18.00 0.76 3.66
C GLU A 246 18.05 1.91 2.65
N GLY A 247 18.14 1.59 1.36
CA GLY A 247 17.92 2.59 0.33
C GLY A 247 16.48 3.09 0.21
N LEU A 248 15.52 2.25 0.65
CA LEU A 248 14.10 2.55 0.59
CA LEU A 248 14.10 2.55 0.59
C LEU A 248 13.51 2.94 1.94
N TYR A 249 14.03 2.35 3.02
CA TYR A 249 13.36 2.38 4.30
C TYR A 249 14.30 2.66 5.44
N PRO A 250 13.77 3.21 6.54
CA PRO A 250 14.53 3.35 7.78
C PRO A 250 15.01 2.01 8.31
N ALA A 251 16.12 2.02 9.03
CA ALA A 251 16.73 0.79 9.58
C ALA A 251 15.76 -0.10 10.36
N GLU A 252 14.93 0.54 11.19
N GLU A 252 14.89 0.49 11.20
CA GLU A 252 13.90 -0.12 11.99
CA GLU A 252 13.94 -0.29 11.99
C GLU A 252 12.92 -0.95 11.15
C GLU A 252 12.92 -1.02 11.11
N VAL A 253 12.54 -0.38 10.00
CA VAL A 253 11.62 -1.01 9.07
C VAL A 253 12.33 -2.15 8.34
N VAL A 254 13.59 -1.93 7.94
CA VAL A 254 14.38 -2.99 7.29
C VAL A 254 14.49 -4.19 8.23
N ASP A 255 14.75 -3.97 9.52
CA ASP A 255 14.83 -5.07 10.45
C ASP A 255 13.51 -5.85 10.57
N ALA A 256 12.40 -5.13 10.55
CA ALA A 256 11.09 -5.77 10.61
C ALA A 256 10.82 -6.60 9.36
N ILE A 257 11.14 -6.02 8.20
CA ILE A 257 10.91 -6.74 6.93
C ILE A 257 11.72 -8.04 6.91
N LEU A 258 12.99 -7.94 7.26
CA LEU A 258 13.86 -9.14 7.24
C LEU A 258 13.43 -10.17 8.26
N ALA A 259 13.02 -9.74 9.45
CA ALA A 259 12.51 -10.69 10.45
C ALA A 259 11.24 -11.37 9.98
N GLY A 260 10.36 -10.62 9.32
CA GLY A 260 9.12 -11.17 8.83
C GLY A 260 9.35 -12.18 7.71
N GLN A 261 10.28 -11.87 6.80
CA GLN A 261 10.64 -12.82 5.75
C GLN A 261 11.28 -14.06 6.29
N ALA A 262 12.16 -13.91 7.27
CA ALA A 262 12.80 -15.07 7.88
C ALA A 262 11.73 -15.97 8.49
N ALA A 263 10.72 -15.38 9.13
CA ALA A 263 9.64 -16.16 9.75
C ALA A 263 8.77 -16.88 8.74
N ARG A 264 8.72 -16.35 7.51
CA ARG A 264 7.90 -16.95 6.47
CA ARG A 264 7.91 -16.90 6.43
C ARG A 264 8.68 -17.87 5.55
N ASP A 265 9.97 -18.10 5.82
CA ASP A 265 10.79 -18.97 4.98
C ASP A 265 10.28 -20.40 5.11
N GLY A 266 9.77 -20.94 4.01
CA GLY A 266 9.24 -22.29 4.00
C GLY A 266 7.89 -22.44 4.68
N ARG A 267 7.19 -21.36 4.98
CA ARG A 267 5.94 -21.39 5.74
C ARG A 267 4.85 -20.61 4.99
N PRO A 268 4.03 -21.31 4.21
CA PRO A 268 2.95 -20.69 3.48
C PRO A 268 2.11 -19.80 4.35
N ALA A 269 1.72 -18.65 3.78
CA ALA A 269 0.96 -17.64 4.49
C ALA A 269 -0.52 -17.83 4.18
N GLU A 270 -1.34 -17.21 5.02
CA GLU A 270 -2.78 -17.26 4.88
C GLU A 270 -3.29 -16.51 3.64
N VAL A 271 -4.27 -17.12 2.96
CA VAL A 271 -4.99 -16.45 1.87
C VAL A 271 -6.37 -16.12 2.37
N LEU A 272 -6.74 -14.85 2.28
CA LEU A 272 -8.05 -14.39 2.75
C LEU A 272 -8.91 -14.04 1.54
N ASP A 273 -10.23 -14.22 1.67
CA ASP A 273 -11.15 -13.93 0.57
C ASP A 273 -11.79 -12.54 0.67
N THR A 274 -11.13 -11.65 1.39
CA THR A 274 -11.71 -10.35 1.69
C THR A 274 -11.97 -9.50 0.44
N ILE A 275 -11.07 -9.47 -0.53
CA ILE A 275 -11.30 -8.69 -1.75
C ILE A 275 -12.63 -9.08 -2.37
N ARG A 276 -12.82 -10.38 -2.56
CA ARG A 276 -14.08 -10.83 -3.15
C ARG A 276 -15.26 -10.57 -2.24
N ALA A 277 -15.07 -10.72 -0.94
CA ALA A 277 -16.13 -10.42 0.03
C ALA A 277 -16.65 -9.01 -0.13
N VAL A 278 -15.74 -8.06 -0.35
CA VAL A 278 -16.13 -6.64 -0.47
C VAL A 278 -16.61 -6.29 -1.85
N THR A 279 -15.90 -6.72 -2.89
CA THR A 279 -16.15 -6.23 -4.24
C THR A 279 -17.00 -7.14 -5.10
N GLY A 280 -17.14 -8.39 -4.70
CA GLY A 280 -17.80 -9.40 -5.52
C GLY A 280 -16.91 -10.05 -6.57
N ARG A 281 -15.67 -9.59 -6.71
CA ARG A 281 -14.75 -10.10 -7.72
C ARG A 281 -13.57 -10.79 -7.03
N PRO A 282 -13.12 -11.96 -7.55
CA PRO A 282 -11.92 -12.59 -7.00
C PRO A 282 -10.70 -11.66 -7.08
N ALA A 283 -9.83 -11.76 -6.10
CA ALA A 283 -8.59 -11.00 -6.13
C ALA A 283 -7.79 -11.31 -7.40
N ARG A 284 -7.17 -10.28 -7.97
CA ARG A 284 -6.30 -10.41 -9.13
C ARG A 284 -5.04 -11.18 -8.76
N THR A 285 -4.62 -12.08 -9.64
CA THR A 285 -3.44 -12.89 -9.40
C THR A 285 -2.15 -12.05 -9.58
N PHE A 286 -1.10 -12.54 -8.95
CA PHE A 286 0.21 -11.94 -9.13
C PHE A 286 0.69 -12.09 -10.58
N ARG A 287 0.36 -13.21 -11.21
CA ARG A 287 0.66 -13.35 -12.62
C ARG A 287 -0.02 -12.31 -13.49
N GLU A 288 -1.28 -11.97 -13.18
CA GLU A 288 -1.95 -10.90 -13.87
C GLU A 288 -1.26 -9.56 -13.59
N TRP A 289 -0.89 -9.32 -12.31
CA TRP A 289 -0.12 -8.15 -11.94
C TRP A 289 1.14 -8.01 -12.81
N ALA A 290 1.88 -9.10 -12.94
CA ALA A 290 3.13 -9.07 -13.70
C ALA A 290 2.88 -8.73 -15.17
N GLY A 291 1.80 -9.27 -15.73
CA GLY A 291 1.43 -8.88 -17.08
C GLY A 291 1.06 -7.42 -17.18
N ASP A 292 0.33 -6.92 -16.18
CA ASP A 292 -0.06 -5.52 -16.17
C ASP A 292 1.13 -4.59 -16.10
N HIS A 293 2.17 -5.01 -15.38
CA HIS A 293 3.38 -4.21 -15.19
C HIS A 293 4.56 -4.70 -16.02
N VAL A 294 4.29 -5.44 -17.10
CA VAL A 294 5.37 -6.09 -17.82
C VAL A 294 6.40 -5.09 -18.39
N ALA A 295 5.95 -3.90 -18.74
CA ALA A 295 6.86 -2.88 -19.28
C ALA A 295 7.97 -2.50 -18.31
N ALA A 296 7.71 -2.60 -17.00
CA ALA A 296 8.72 -2.30 -16.00
C ALA A 296 9.88 -3.27 -16.03
N PHE A 297 9.64 -4.48 -16.54
CA PHE A 297 10.60 -5.56 -16.49
C PHE A 297 11.26 -5.88 -17.83
N ARG A 298 10.82 -5.20 -18.88
N ARG A 298 10.82 -5.17 -18.87
CA ARG A 298 11.36 -5.40 -20.23
CA ARG A 298 11.34 -5.33 -20.23
C ARG A 298 12.46 -4.38 -20.40
C ARG A 298 12.48 -4.36 -20.37
N PRO A 299 13.63 -4.80 -20.92
CA PRO A 299 14.76 -3.87 -21.16
C PRO A 299 14.59 -3.02 -22.41
#